data_4H3T
#
_entry.id   4H3T
#
_cell.length_a   137.017
_cell.length_b   137.017
_cell.length_c   203.537
_cell.angle_alpha   90.00
_cell.angle_beta   90.00
_cell.angle_gamma   90.00
#
_symmetry.space_group_name_H-M   'I 41 2 2'
#
loop_
_entity.id
_entity.type
_entity.pdbx_description
1 polymer 'CRISPR-associated protein, Cse1 family'
2 non-polymer GLYCEROL
3 water water
#
_entity_poly.entity_id   1
_entity_poly.type   'polypeptide(L)'
_entity_poly.pdbx_seq_one_letter_code
;SNA(MSE)EPE(MSE)HFDLSSEPWLPVRFRDGRRSEVSLRDIFVLAHTIVGFDVDFPTLEPALLRLVLALAYRILRGPK
DDAEWGRLWEADRFSEDAIDDYFARWRHRFDLFSKEFPFFQVADLEPAGKGGVKTANSLVAYAPSGNNVPVFTPITDRTE
LALSPAEAARWLVERHAFGSASDKTGAKGNPKVKGGKDTPAIGYLAWIGFVAPVGQTLRETLLLNLVPWQYRNLIRGGED
DVPAWERDPLGPTRV(MSE)RAPDGVCDLFTWQGRRIRLFPERRGDAIVVPRVLICAGDEVDRRAARDVDPHVGWR
(MSE)ESRRGAEVSYVPLRARPGQQVWRGLSSVLALGAEEQRAGVLSFVEGLQSRGIALVSLLVTSAKFGN(MSE)STTL
DDLAYDRLDTPLAVLNQEDPAAATVAIDAVTFAAHAAQALGYVAEARYLSYDLSFHEESKRHRVPEGKAALAKAARSALA
EEIYGRLDAPYRHFLTGLANIDDLERPRAEWAALVEAVARDLASRELAQLAPAQAFAGVAGEDRFRR(MSE)LARARNEF
SPSDSPEKGAA
;
_entity_poly.pdbx_strand_id   A
#
loop_
_chem_comp.id
_chem_comp.type
_chem_comp.name
_chem_comp.formula
GOL non-polymer GLYCEROL 'C3 H8 O3'
#
# COMPACT_ATOMS: atom_id res chain seq x y z
N GLU A 5 9.94 25.51 35.58
CA GLU A 5 9.53 25.46 34.16
C GLU A 5 8.22 24.67 33.98
N PRO A 6 7.23 25.22 33.22
CA PRO A 6 5.99 24.46 33.02
C PRO A 6 6.22 23.16 32.28
N GLU A 7 5.40 22.16 32.61
CA GLU A 7 5.53 20.85 32.00
C GLU A 7 5.14 20.89 30.53
N MSE A 8 5.84 20.14 29.72
CA MSE A 8 5.51 19.98 28.31
C MSE A 8 4.53 18.79 28.12
O MSE A 8 4.78 17.70 28.62
CB MSE A 8 6.79 19.73 27.49
CG MSE A 8 7.73 20.91 27.56
SE MSE A 8 9.31 20.52 26.57
CE MSE A 8 10.19 19.44 27.86
N HIS A 9 3.41 19.07 27.46
CA HIS A 9 2.35 18.13 27.14
C HIS A 9 1.86 18.34 25.73
N PHE A 10 1.42 17.25 25.08
CA PHE A 10 0.79 17.30 23.74
C PHE A 10 -0.16 16.10 23.66
N ASP A 11 -1.40 16.35 24.03
CA ASP A 11 -2.44 15.33 24.11
C ASP A 11 -3.00 15.08 22.70
N LEU A 12 -2.68 13.90 22.18
CA LEU A 12 -3.08 13.49 20.83
C LEU A 12 -4.57 13.27 20.68
N SER A 13 -5.28 13.13 21.78
CA SER A 13 -6.74 13.03 21.68
C SER A 13 -7.40 14.41 21.48
N SER A 14 -6.74 15.54 21.86
CA SER A 14 -7.37 16.86 21.79
C SER A 14 -6.58 17.93 21.02
N GLU A 15 -5.34 17.67 20.67
CA GLU A 15 -4.52 18.60 19.86
C GLU A 15 -4.56 18.22 18.40
N PRO A 16 -4.42 19.20 17.50
CA PRO A 16 -4.48 18.87 16.05
C PRO A 16 -3.19 18.25 15.52
N TRP A 17 -3.27 17.06 14.88
CA TRP A 17 -2.08 16.48 14.28
C TRP A 17 -2.34 15.56 13.08
N LEU A 18 -3.60 15.23 12.78
CA LEU A 18 -3.99 14.29 11.72
C LEU A 18 -4.50 15.09 10.52
N PRO A 19 -3.73 15.15 9.42
CA PRO A 19 -4.15 15.99 8.28
C PRO A 19 -5.26 15.33 7.49
N VAL A 20 -6.32 16.06 7.29
CA VAL A 20 -7.49 15.55 6.58
C VAL A 20 -7.97 16.58 5.58
N ARG A 21 -8.79 16.11 4.66
CA ARG A 21 -9.50 16.95 3.70
C ARG A 21 -11.00 16.84 4.01
N PHE A 22 -11.64 17.97 4.22
CA PHE A 22 -13.06 18.04 4.57
C PHE A 22 -13.91 18.03 3.30
N ARG A 23 -15.17 17.58 3.40
CA ARG A 23 -16.10 17.55 2.25
C ARG A 23 -16.36 18.97 1.69
N ASP A 24 -16.30 20.03 2.52
CA ASP A 24 -16.45 21.41 2.00
C ASP A 24 -15.14 21.99 1.36
N GLY A 25 -14.07 21.19 1.26
CA GLY A 25 -12.82 21.60 0.66
C GLY A 25 -11.72 22.00 1.62
N ARG A 26 -12.04 22.28 2.90
CA ARG A 26 -10.97 22.61 3.87
C ARG A 26 -9.97 21.50 4.02
N ARG A 27 -8.73 21.88 4.25
CA ARG A 27 -7.59 21.00 4.52
C ARG A 27 -6.93 21.47 5.79
N SER A 28 -7.01 20.67 6.85
CA SER A 28 -6.43 21.04 8.15
C SER A 28 -6.17 19.78 9.01
N GLU A 29 -5.55 19.99 10.13
CA GLU A 29 -5.21 18.90 11.05
C GLU A 29 -6.23 18.77 12.10
N VAL A 30 -6.56 17.53 12.50
CA VAL A 30 -7.54 17.31 13.57
C VAL A 30 -6.93 16.41 14.66
N SER A 31 -7.56 16.41 15.80
CA SER A 31 -7.20 15.53 16.92
C SER A 31 -7.83 14.16 16.72
N LEU A 32 -7.48 13.19 17.55
CA LEU A 32 -8.09 11.87 17.45
C LEU A 32 -9.58 11.92 17.84
N ARG A 33 -9.96 12.79 18.77
CA ARG A 33 -11.34 12.96 19.14
C ARG A 33 -12.13 13.49 17.93
N ASP A 34 -11.67 14.56 17.30
CA ASP A 34 -12.34 15.14 16.13
C ASP A 34 -12.31 14.25 14.90
N ILE A 35 -11.31 13.44 14.71
CA ILE A 35 -11.31 12.57 13.53
C ILE A 35 -12.51 11.54 13.62
N PHE A 36 -12.95 11.17 14.82
CA PHE A 36 -14.09 10.28 15.01
C PHE A 36 -15.39 11.08 15.00
N VAL A 37 -15.45 12.16 15.77
CA VAL A 37 -16.69 12.96 15.88
C VAL A 37 -17.06 13.52 14.50
N LEU A 38 -16.06 13.93 13.71
CA LEU A 38 -16.30 14.56 12.41
C LEU A 38 -16.06 13.65 11.20
N ALA A 39 -15.90 12.32 11.42
CA ALA A 39 -15.59 11.38 10.35
C ALA A 39 -16.56 11.42 9.15
N HIS A 40 -17.86 11.69 9.40
CA HIS A 40 -18.87 11.78 8.34
C HIS A 40 -18.76 13.09 7.51
N THR A 41 -17.95 14.07 7.96
CA THR A 41 -17.78 15.38 7.27
C THR A 41 -16.41 15.42 6.55
N ILE A 42 -15.61 14.37 6.72
CA ILE A 42 -14.25 14.28 6.17
C ILE A 42 -14.24 13.38 4.98
N VAL A 43 -13.55 13.79 3.92
CA VAL A 43 -13.32 12.99 2.71
C VAL A 43 -12.37 11.86 3.06
N GLY A 44 -11.26 12.24 3.64
CA GLY A 44 -10.23 11.30 4.03
C GLY A 44 -8.98 11.97 4.49
N PHE A 45 -7.95 11.14 4.73
CA PHE A 45 -6.62 11.57 5.11
C PHE A 45 -6.04 12.42 4.02
N ASP A 46 -5.17 13.38 4.37
CA ASP A 46 -4.54 14.26 3.41
C ASP A 46 -3.06 14.33 3.75
N VAL A 47 -2.37 13.18 3.66
CA VAL A 47 -0.99 13.13 4.16
C VAL A 47 0.01 13.53 3.08
N ASP A 48 1.19 13.84 3.55
CA ASP A 48 2.34 14.41 2.87
C ASP A 48 3.35 13.31 2.32
N PHE A 49 3.23 12.07 2.78
CA PHE A 49 4.16 11.01 2.39
C PHE A 49 3.40 9.71 2.43
N PRO A 50 3.61 8.83 1.42
CA PRO A 50 2.72 7.66 1.27
C PRO A 50 2.65 6.66 2.40
N THR A 51 3.71 6.46 3.14
CA THR A 51 3.71 5.47 4.20
C THR A 51 2.87 5.93 5.38
N LEU A 52 2.64 7.21 5.48
CA LEU A 52 1.86 7.69 6.60
C LEU A 52 0.37 7.20 6.55
N GLU A 53 -0.22 7.09 5.38
CA GLU A 53 -1.64 6.79 5.30
C GLU A 53 -1.99 5.40 5.82
N PRO A 54 -1.33 4.31 5.41
CA PRO A 54 -1.65 2.98 6.00
C PRO A 54 -1.40 2.95 7.52
N ALA A 55 -0.34 3.62 7.95
CA ALA A 55 0.03 3.63 9.37
C ALA A 55 -0.99 4.36 10.22
N LEU A 56 -1.44 5.52 9.75
CA LEU A 56 -2.43 6.32 10.49
C LEU A 56 -3.82 5.68 10.36
N LEU A 57 -4.14 5.06 9.23
CA LEU A 57 -5.45 4.38 9.06
C LEU A 57 -5.57 3.24 10.03
N ARG A 58 -4.52 2.39 10.13
CA ARG A 58 -4.52 1.26 11.06
C ARG A 58 -4.56 1.70 12.50
N LEU A 59 -3.91 2.79 12.85
CA LEU A 59 -4.02 3.33 14.21
C LEU A 59 -5.45 3.70 14.55
N VAL A 60 -6.07 4.42 13.64
CA VAL A 60 -7.45 4.90 13.81
C VAL A 60 -8.44 3.70 13.81
N LEU A 61 -8.19 2.66 13.07
CA LEU A 61 -9.06 1.47 13.11
C LEU A 61 -8.96 0.73 14.45
N ALA A 62 -7.74 0.59 15.02
CA ALA A 62 -7.59 -0.03 16.32
C ALA A 62 -8.40 0.76 17.35
N LEU A 63 -8.33 2.09 17.26
CA LEU A 63 -9.10 2.97 18.17
C LEU A 63 -10.63 2.79 17.97
N ALA A 64 -11.09 2.65 16.69
CA ALA A 64 -12.51 2.42 16.39
C ALA A 64 -13.04 1.15 17.03
N TYR A 65 -12.32 0.00 16.92
CA TYR A 65 -12.77 -1.25 17.55
C TYR A 65 -12.94 -1.10 19.06
N ARG A 66 -12.05 -0.30 19.70
CA ARG A 66 -12.11 -0.09 21.15
C ARG A 66 -13.20 0.89 21.53
N ILE A 67 -13.37 1.98 20.75
CA ILE A 67 -14.44 2.94 21.07
C ILE A 67 -15.80 2.28 20.85
N LEU A 68 -15.98 1.60 19.72
CA LEU A 68 -17.28 1.01 19.40
C LEU A 68 -17.53 -0.32 20.13
N ARG A 69 -16.48 -0.94 20.74
CA ARG A 69 -16.58 -2.25 21.40
C ARG A 69 -17.16 -3.21 20.39
N GLY A 70 -16.63 -3.15 19.20
CA GLY A 70 -17.16 -3.94 18.12
C GLY A 70 -16.78 -3.27 16.83
N PRO A 71 -17.37 -3.69 15.69
CA PRO A 71 -18.53 -4.61 15.56
C PRO A 71 -18.16 -6.08 15.73
N LYS A 72 -18.94 -6.78 16.51
CA LYS A 72 -18.69 -8.22 16.72
C LYS A 72 -19.25 -9.03 15.58
N ASP A 73 -20.29 -8.51 14.90
CA ASP A 73 -21.03 -9.29 13.90
C ASP A 73 -21.65 -8.38 12.84
N ASP A 74 -22.32 -9.00 11.88
CA ASP A 74 -22.96 -8.29 10.78
C ASP A 74 -24.08 -7.37 11.25
N ALA A 75 -24.88 -7.77 12.26
CA ALA A 75 -25.95 -6.91 12.75
C ALA A 75 -25.37 -5.64 13.33
N GLU A 76 -24.30 -5.75 14.15
CA GLU A 76 -23.69 -4.52 14.69
C GLU A 76 -23.11 -3.69 13.55
N TRP A 77 -22.45 -4.34 12.57
CA TRP A 77 -21.86 -3.55 11.46
C TRP A 77 -22.96 -2.78 10.72
N GLY A 78 -24.03 -3.48 10.42
CA GLY A 78 -25.23 -2.96 9.77
C GLY A 78 -25.82 -1.74 10.49
N ARG A 79 -25.92 -1.78 11.82
CA ARG A 79 -26.44 -0.60 12.55
C ARG A 79 -25.45 0.58 12.46
N LEU A 80 -24.15 0.33 12.39
CA LEU A 80 -23.19 1.42 12.23
C LEU A 80 -23.29 2.03 10.81
N TRP A 81 -23.36 1.17 9.78
CA TRP A 81 -23.46 1.61 8.41
C TRP A 81 -24.72 2.46 8.19
N GLU A 82 -25.87 2.05 8.76
CA GLU A 82 -27.16 2.74 8.60
C GLU A 82 -27.21 4.06 9.41
N ALA A 83 -26.39 4.22 10.45
CA ALA A 83 -26.33 5.47 11.22
C ALA A 83 -25.53 6.50 10.41
N ASP A 84 -25.60 7.80 10.73
CA ASP A 84 -24.91 8.80 9.90
C ASP A 84 -23.64 9.38 10.53
N ARG A 85 -23.39 9.08 11.81
CA ARG A 85 -22.21 9.58 12.48
C ARG A 85 -21.89 8.66 13.67
N PHE A 86 -20.69 8.81 14.20
CA PHE A 86 -20.27 8.08 15.37
C PHE A 86 -20.76 8.83 16.62
N SER A 87 -21.02 8.08 17.67
CA SER A 87 -21.49 8.60 18.94
C SER A 87 -20.42 9.41 19.66
N GLU A 88 -20.69 10.74 19.87
CA GLU A 88 -19.79 11.58 20.67
C GLU A 88 -19.59 11.06 22.09
N ASP A 89 -20.64 10.47 22.66
CA ASP A 89 -20.59 9.97 24.04
C ASP A 89 -19.66 8.74 24.14
N ALA A 90 -19.71 7.83 23.13
CA ALA A 90 -18.82 6.66 23.12
C ALA A 90 -17.36 7.10 23.00
N ILE A 91 -17.14 8.11 22.14
CA ILE A 91 -15.82 8.65 21.85
C ILE A 91 -15.28 9.32 23.08
N ASP A 92 -16.07 10.21 23.70
CA ASP A 92 -15.62 10.95 24.89
C ASP A 92 -15.47 10.03 26.13
N ASP A 93 -16.30 9.01 26.29
CA ASP A 93 -16.08 8.05 27.40
C ASP A 93 -14.73 7.32 27.21
N TYR A 94 -14.41 6.92 25.99
CA TYR A 94 -13.13 6.23 25.74
C TYR A 94 -11.94 7.15 26.05
N PHE A 95 -11.93 8.36 25.47
CA PHE A 95 -10.78 9.28 25.69
C PHE A 95 -10.73 9.81 27.11
N ALA A 96 -11.85 9.87 27.86
CA ALA A 96 -11.77 10.23 29.28
C ALA A 96 -11.01 9.11 30.02
N ARG A 97 -11.30 7.84 29.69
CA ARG A 97 -10.59 6.71 30.33
C ARG A 97 -9.11 6.62 29.96
N TRP A 98 -8.73 6.88 28.70
CA TRP A 98 -7.38 6.59 28.25
C TRP A 98 -6.52 7.77 27.90
N ARG A 99 -7.02 8.99 28.04
CA ARG A 99 -6.17 10.09 27.58
C ARG A 99 -4.87 10.26 28.37
N HIS A 100 -4.74 9.66 29.58
CA HIS A 100 -3.45 9.67 30.30
C HIS A 100 -2.36 8.84 29.51
N ARG A 101 -2.80 8.11 28.48
CA ARG A 101 -1.90 7.34 27.62
C ARG A 101 -1.67 7.96 26.25
N PHE A 102 -2.35 9.10 25.93
CA PHE A 102 -2.22 9.79 24.65
C PHE A 102 -1.37 11.05 24.70
N ASP A 103 -0.61 11.25 25.77
CA ASP A 103 0.28 12.41 25.86
C ASP A 103 1.65 12.02 25.24
N LEU A 104 2.00 12.72 24.16
CA LEU A 104 3.27 12.51 23.47
C LEU A 104 4.49 12.78 24.38
N PHE A 105 4.37 13.68 25.36
CA PHE A 105 5.47 14.04 26.26
C PHE A 105 5.20 13.67 27.71
N SER A 106 4.36 12.66 27.96
CA SER A 106 4.12 12.19 29.34
C SER A 106 5.46 11.71 29.92
N LYS A 107 5.72 12.03 31.17
CA LYS A 107 6.97 11.56 31.79
C LYS A 107 6.90 10.06 32.17
N GLU A 108 5.72 9.50 32.31
CA GLU A 108 5.58 8.10 32.66
C GLU A 108 5.07 7.25 31.50
N PHE A 109 4.11 7.73 30.70
CA PHE A 109 3.51 6.96 29.63
C PHE A 109 3.58 7.65 28.26
N PRO A 110 4.76 8.17 27.84
CA PRO A 110 4.79 8.86 26.53
C PRO A 110 4.24 7.93 25.44
N PHE A 111 3.32 8.49 24.64
CA PHE A 111 2.63 7.73 23.59
C PHE A 111 3.61 7.11 22.60
N PHE A 112 3.53 5.79 22.39
CA PHE A 112 4.34 5.00 21.47
C PHE A 112 5.83 5.13 21.76
N GLN A 113 6.16 5.46 23.06
CA GLN A 113 7.55 5.66 23.47
C GLN A 113 7.86 4.90 24.73
N VAL A 114 9.16 4.90 25.05
CA VAL A 114 9.73 4.34 26.29
C VAL A 114 10.28 5.53 27.06
N ALA A 115 9.68 5.83 28.21
CA ALA A 115 10.01 7.02 28.97
C ALA A 115 11.48 7.14 29.40
N ASP A 116 12.08 6.04 29.82
CA ASP A 116 13.46 6.11 30.36
C ASP A 116 14.46 5.58 29.35
N LEU A 117 14.11 5.46 28.08
CA LEU A 117 15.03 4.92 27.08
C LEU A 117 16.36 5.68 27.04
N GLU A 118 17.46 4.96 27.06
CA GLU A 118 18.79 5.54 26.98
C GLU A 118 19.68 4.74 26.03
N PRO A 119 20.66 5.39 25.37
CA PRO A 119 21.60 4.62 24.54
C PRO A 119 22.50 3.71 25.38
N ALA A 120 22.85 2.52 24.86
CA ALA A 120 23.75 1.58 25.57
C ALA A 120 25.17 2.15 25.75
N GLY A 121 25.61 2.97 24.81
CA GLY A 121 26.91 3.64 24.89
C GLY A 121 26.80 5.10 24.48
N LYS A 122 27.86 5.62 23.88
CA LYS A 122 27.95 7.02 23.44
C LYS A 122 27.31 7.23 22.03
N GLY A 123 26.82 8.43 21.77
CA GLY A 123 26.26 8.84 20.47
C GLY A 123 24.98 8.22 19.90
N GLY A 124 24.24 7.43 20.66
CA GLY A 124 23.01 6.81 20.10
C GLY A 124 21.86 7.76 19.72
N VAL A 125 21.72 8.87 20.47
CA VAL A 125 20.68 9.89 20.24
C VAL A 125 21.01 10.63 18.94
N LYS A 126 20.00 10.82 18.07
N LYS A 126 20.00 10.82 18.07
CA LYS A 126 20.15 11.49 16.78
CA LYS A 126 20.18 11.49 16.78
C LYS A 126 19.26 12.70 16.71
C LYS A 126 19.28 12.70 16.71
N THR A 127 19.50 13.54 15.72
CA THR A 127 18.63 14.71 15.50
C THR A 127 17.31 14.14 15.02
N ALA A 128 16.23 14.86 15.31
CA ALA A 128 14.90 14.42 14.99
C ALA A 128 14.61 14.22 13.49
N ASN A 129 15.43 14.78 12.61
CA ASN A 129 15.27 14.54 11.18
C ASN A 129 15.42 13.03 10.84
N SER A 130 16.14 12.23 11.66
CA SER A 130 16.25 10.75 11.46
C SER A 130 14.87 10.04 11.57
N LEU A 131 13.85 10.66 12.21
CA LEU A 131 12.50 10.07 12.31
C LEU A 131 11.70 10.31 11.01
N VAL A 132 12.16 11.23 10.17
CA VAL A 132 11.45 11.55 8.92
C VAL A 132 11.84 10.57 7.85
N ALA A 133 10.88 9.98 7.10
CA ALA A 133 11.19 9.17 5.93
C ALA A 133 11.26 10.11 4.73
N TYR A 134 12.19 9.86 3.85
CA TYR A 134 12.32 10.59 2.57
C TYR A 134 12.08 9.60 1.37
N ALA A 135 11.72 10.18 0.24
CA ALA A 135 11.40 9.46 -1.01
C ALA A 135 12.48 8.42 -1.38
N PRO A 136 12.10 7.23 -1.91
CA PRO A 136 13.11 6.24 -2.32
C PRO A 136 14.23 6.73 -3.26
N SER A 137 14.16 7.98 -3.85
CA SER A 137 15.15 8.64 -4.72
C SER A 137 14.80 8.43 -6.21
N THR A 151 18.20 18.95 8.14
CA THR A 151 19.02 18.06 8.96
C THR A 151 19.08 18.58 10.44
N GLU A 152 19.14 19.92 10.67
CA GLU A 152 19.06 20.53 12.01
C GLU A 152 17.60 21.01 12.29
N LEU A 153 16.63 20.78 11.32
CA LEU A 153 15.22 21.19 11.48
C LEU A 153 14.55 20.44 12.56
N ALA A 154 14.20 21.10 13.64
CA ALA A 154 13.46 20.44 14.69
C ALA A 154 12.00 20.14 14.20
N LEU A 155 11.37 19.10 14.72
CA LEU A 155 9.99 18.78 14.35
C LEU A 155 9.02 19.47 15.29
N SER A 156 7.83 19.79 14.79
CA SER A 156 6.75 20.18 15.68
C SER A 156 6.25 18.92 16.40
N PRO A 157 5.54 19.06 17.53
CA PRO A 157 4.92 17.86 18.17
C PRO A 157 4.02 17.05 17.19
N ALA A 158 3.18 17.70 16.37
CA ALA A 158 2.31 17.00 15.41
C ALA A 158 3.13 16.21 14.38
N GLU A 159 4.22 16.79 13.83
CA GLU A 159 5.08 16.08 12.86
C GLU A 159 5.72 14.89 13.51
N ALA A 160 6.20 15.07 14.73
CA ALA A 160 6.91 13.99 15.43
C ALA A 160 5.95 12.84 15.71
N ALA A 161 4.74 13.17 16.12
CA ALA A 161 3.71 12.12 16.40
C ALA A 161 3.40 11.31 15.14
N ARG A 162 3.21 11.97 13.99
CA ARG A 162 2.92 11.26 12.75
C ARG A 162 4.07 10.33 12.37
N TRP A 163 5.31 10.84 12.43
CA TRP A 163 6.45 10.02 12.08
C TRP A 163 6.74 8.89 13.07
N LEU A 164 6.37 9.10 14.34
CA LEU A 164 6.50 8.09 15.37
C LEU A 164 5.62 6.87 15.06
N VAL A 165 4.35 7.12 14.65
CA VAL A 165 3.41 6.12 14.27
C VAL A 165 3.92 5.40 13.04
N GLU A 166 4.46 6.15 12.11
CA GLU A 166 4.99 5.55 10.90
C GLU A 166 6.21 4.70 11.16
N ARG A 167 7.13 5.16 12.04
CA ARG A 167 8.40 4.46 12.20
C ARG A 167 8.24 3.10 12.86
N HIS A 168 7.29 2.92 13.75
CA HIS A 168 7.06 1.61 14.35
C HIS A 168 6.66 0.56 13.32
N ALA A 169 6.02 0.99 12.23
CA ALA A 169 5.47 0.12 11.17
C ALA A 169 6.39 -0.01 9.95
N PHE A 170 7.15 1.04 9.58
CA PHE A 170 7.88 1.09 8.31
C PHE A 170 9.40 1.24 8.49
N GLY A 171 9.94 1.00 9.67
CA GLY A 171 11.37 1.14 9.85
C GLY A 171 12.23 0.13 9.09
N SER A 172 13.51 0.41 8.96
CA SER A 172 14.42 -0.48 8.24
C SER A 172 15.39 -1.13 9.26
N ALA A 173 16.32 -1.97 8.76
CA ALA A 173 17.35 -2.61 9.59
C ALA A 173 18.40 -1.61 10.05
N SER A 174 18.36 -0.35 9.56
CA SER A 174 19.24 0.74 10.05
C SER A 174 18.92 1.13 11.50
N ASP A 175 17.76 0.75 12.06
CA ASP A 175 17.36 1.18 13.41
C ASP A 175 17.99 0.25 14.47
N LYS A 176 19.32 0.13 14.43
CA LYS A 176 20.16 -0.84 15.15
C LYS A 176 20.84 -0.29 16.40
N THR A 177 20.79 1.03 16.64
CA THR A 177 21.32 1.68 17.85
C THR A 177 20.94 0.84 19.06
N GLY A 178 21.90 0.46 19.89
CA GLY A 178 21.61 -0.36 21.03
C GLY A 178 21.00 0.45 22.16
N ALA A 179 20.05 -0.14 22.87
CA ALA A 179 19.44 0.50 24.03
C ALA A 179 20.02 -0.09 25.31
N LYS A 180 20.25 0.76 26.29
CA LYS A 180 20.69 0.31 27.60
C LYS A 180 19.57 -0.54 28.22
N GLY A 181 19.95 -1.66 28.81
CA GLY A 181 18.98 -2.58 29.40
C GLY A 181 18.47 -3.65 28.43
N ASN A 182 18.91 -3.63 27.16
CA ASN A 182 18.53 -4.67 26.24
C ASN A 182 19.71 -5.67 26.23
N PRO A 183 19.55 -6.87 26.80
CA PRO A 183 20.68 -7.81 26.85
C PRO A 183 21.01 -8.47 25.51
N LYS A 184 20.27 -8.20 24.44
CA LYS A 184 20.60 -8.69 23.10
C LYS A 184 21.65 -7.82 22.41
N VAL A 185 21.95 -6.64 22.98
CA VAL A 185 22.93 -5.73 22.38
C VAL A 185 24.32 -6.40 22.36
N LYS A 186 24.97 -6.42 21.18
CA LYS A 186 26.33 -6.98 20.91
C LYS A 186 27.03 -6.03 19.95
N GLY A 187 28.30 -5.73 20.17
CA GLY A 187 28.99 -4.75 19.35
C GLY A 187 28.25 -3.40 19.32
N GLY A 188 27.64 -3.05 20.46
CA GLY A 188 26.90 -1.82 20.67
C GLY A 188 25.56 -1.67 19.97
N LYS A 189 25.11 -2.70 19.24
CA LYS A 189 23.89 -2.61 18.46
C LYS A 189 22.96 -3.83 18.66
N ASP A 190 21.70 -3.68 18.28
CA ASP A 190 20.75 -4.80 18.18
C ASP A 190 19.92 -4.53 16.91
N THR A 191 20.21 -5.27 15.83
CA THR A 191 19.65 -5.04 14.50
C THR A 191 18.26 -5.60 14.30
N PRO A 192 17.25 -4.75 14.03
CA PRO A 192 15.90 -5.30 13.80
C PRO A 192 15.67 -5.74 12.37
N ALA A 193 14.56 -6.42 12.15
CA ALA A 193 14.03 -6.68 10.81
C ALA A 193 13.37 -5.38 10.33
N ILE A 194 12.95 -5.33 9.07
CA ILE A 194 12.16 -4.19 8.58
C ILE A 194 10.81 -4.17 9.34
N GLY A 195 10.16 -3.01 9.40
CA GLY A 195 8.85 -2.91 10.04
C GLY A 195 7.83 -3.81 9.35
N TYR A 196 6.82 -4.19 10.08
CA TYR A 196 5.80 -5.10 9.56
C TYR A 196 5.03 -4.53 8.33
N LEU A 197 4.69 -3.23 8.32
CA LEU A 197 4.03 -2.63 7.17
C LEU A 197 4.98 -2.49 5.99
N ALA A 198 6.28 -2.35 6.26
CA ALA A 198 7.30 -2.34 5.20
C ALA A 198 7.40 -3.77 4.53
N TRP A 199 7.11 -4.83 5.30
CA TRP A 199 7.14 -6.20 4.83
C TRP A 199 5.89 -6.61 4.06
N ILE A 200 4.71 -6.25 4.53
CA ILE A 200 3.49 -6.72 3.85
C ILE A 200 3.16 -5.84 2.61
N GLY A 201 2.40 -6.43 1.72
CA GLY A 201 1.73 -5.73 0.63
C GLY A 201 0.40 -5.24 1.18
N PHE A 202 0.25 -3.92 1.41
CA PHE A 202 -0.97 -3.36 2.04
C PHE A 202 -2.03 -3.01 1.01
N VAL A 203 -3.26 -3.38 1.27
CA VAL A 203 -4.40 -3.03 0.44
C VAL A 203 -5.56 -2.71 1.37
N ALA A 204 -6.27 -1.63 1.12
CA ALA A 204 -7.44 -1.25 1.92
C ALA A 204 -8.41 -0.44 1.07
N PRO A 205 -9.71 -0.69 1.26
CA PRO A 205 -10.69 0.09 0.52
C PRO A 205 -10.88 1.48 1.14
N VAL A 206 -11.17 2.43 0.28
CA VAL A 206 -11.44 3.81 0.68
C VAL A 206 -12.78 4.21 0.07
N GLY A 207 -13.67 4.69 0.93
CA GLY A 207 -15.01 5.12 0.57
C GLY A 207 -15.03 6.61 0.22
N GLN A 208 -16.20 7.24 0.28
CA GLN A 208 -16.43 8.66 -0.08
C GLN A 208 -16.25 9.63 1.12
N THR A 209 -16.32 9.09 2.33
CA THR A 209 -16.02 9.80 3.54
C THR A 209 -15.12 8.91 4.38
N LEU A 210 -14.48 9.50 5.39
CA LEU A 210 -13.65 8.75 6.32
C LEU A 210 -14.47 7.81 7.14
N ARG A 211 -15.71 8.16 7.47
CA ARG A 211 -16.58 7.26 8.23
C ARG A 211 -16.87 6.00 7.41
N GLU A 212 -17.15 6.15 6.11
CA GLU A 212 -17.35 4.99 5.21
C GLU A 212 -16.11 4.15 5.11
N THR A 213 -14.94 4.78 4.91
CA THR A 213 -13.64 4.10 4.87
C THR A 213 -13.40 3.30 6.12
N LEU A 214 -13.64 3.90 7.28
CA LEU A 214 -13.44 3.18 8.54
C LEU A 214 -14.37 1.98 8.64
N LEU A 215 -15.62 2.13 8.26
CA LEU A 215 -16.57 1.00 8.29
C LEU A 215 -16.26 -0.08 7.25
N LEU A 216 -15.80 0.27 6.03
CA LEU A 216 -15.37 -0.73 5.02
C LEU A 216 -14.21 -1.56 5.54
N ASN A 217 -13.39 -1.01 6.47
CA ASN A 217 -12.22 -1.69 7.02
C ASN A 217 -12.47 -2.37 8.37
N LEU A 218 -13.61 -2.07 9.01
CA LEU A 218 -13.96 -2.62 10.31
C LEU A 218 -14.67 -3.94 10.10
N VAL A 219 -13.87 -4.93 9.71
CA VAL A 219 -14.38 -6.25 9.50
C VAL A 219 -14.93 -6.79 10.88
N PRO A 220 -16.17 -7.29 10.92
CA PRO A 220 -16.67 -7.80 12.19
C PRO A 220 -15.88 -9.02 12.68
N TRP A 221 -15.75 -9.14 14.04
CA TRP A 221 -14.98 -10.22 14.68
C TRP A 221 -15.51 -11.62 14.29
N GLN A 222 -16.80 -11.73 13.96
CA GLN A 222 -17.41 -12.99 13.53
C GLN A 222 -16.76 -13.56 12.26
N TYR A 223 -16.10 -12.74 11.43
CA TYR A 223 -15.38 -13.24 10.25
C TYR A 223 -14.03 -13.84 10.66
N ARG A 224 -14.06 -14.98 11.34
CA ARG A 224 -12.84 -15.62 11.86
C ARG A 224 -11.92 -16.10 10.72
N ASN A 225 -12.46 -16.28 9.54
CA ASN A 225 -11.67 -16.59 8.33
C ASN A 225 -10.93 -15.41 7.77
N LEU A 226 -11.35 -14.17 8.11
CA LEU A 226 -10.78 -12.95 7.59
C LEU A 226 -9.91 -12.16 8.58
N ILE A 227 -10.24 -12.18 9.87
CA ILE A 227 -9.48 -11.46 10.91
C ILE A 227 -9.47 -12.21 12.23
N ARG A 228 -8.66 -11.71 13.18
CA ARG A 228 -8.71 -12.07 14.60
C ARG A 228 -8.95 -10.78 15.37
N GLY A 229 -10.03 -10.76 16.11
CA GLY A 229 -10.39 -9.62 16.96
C GLY A 229 -11.36 -10.05 18.01
N GLY A 230 -11.53 -9.24 19.04
CA GLY A 230 -12.43 -9.58 20.15
C GLY A 230 -12.28 -8.63 21.29
N GLU A 231 -13.08 -8.80 22.31
CA GLU A 231 -13.04 -7.96 23.53
C GLU A 231 -11.71 -7.90 24.23
N ASP A 232 -10.92 -8.99 24.23
CA ASP A 232 -9.62 -9.00 24.88
C ASP A 232 -8.47 -8.52 24.00
N ASP A 233 -8.73 -8.11 22.77
CA ASP A 233 -7.66 -7.66 21.84
C ASP A 233 -7.46 -6.15 22.03
N VAL A 234 -6.42 -5.75 22.77
CA VAL A 234 -6.26 -4.35 23.10
C VAL A 234 -5.00 -3.72 22.43
N PRO A 235 -5.08 -2.43 22.16
CA PRO A 235 -3.95 -1.75 21.51
C PRO A 235 -2.82 -1.43 22.50
N ALA A 236 -1.70 -0.99 21.96
CA ALA A 236 -0.48 -0.75 22.70
C ALA A 236 -0.65 0.21 23.90
N TRP A 237 -1.46 1.25 23.74
CA TRP A 237 -1.68 2.26 24.80
C TRP A 237 -2.59 1.75 25.90
N GLU A 238 -3.25 0.57 25.77
CA GLU A 238 -3.99 -0.04 26.87
C GLU A 238 -3.12 -1.05 27.53
N ARG A 239 -2.00 -1.44 26.93
CA ARG A 239 -1.11 -2.43 27.54
C ARG A 239 -0.10 -1.71 28.45
N ASP A 240 0.56 -2.46 29.28
CA ASP A 240 1.64 -1.91 30.08
C ASP A 240 2.70 -1.28 29.15
N PRO A 241 3.24 -0.13 29.53
CA PRO A 241 4.29 0.47 28.73
C PRO A 241 5.49 -0.47 28.59
N LEU A 242 6.18 -0.38 27.48
CA LEU A 242 7.33 -1.23 27.19
C LEU A 242 8.67 -0.61 27.67
N GLY A 243 9.67 -1.46 27.72
CA GLY A 243 11.01 -1.10 28.14
C GLY A 243 11.98 -1.31 26.97
N PRO A 244 13.30 -1.34 27.25
CA PRO A 244 14.30 -1.58 26.19
C PRO A 244 14.36 -3.01 25.64
N THR A 245 13.76 -4.00 26.32
CA THR A 245 13.78 -5.39 25.90
C THR A 245 12.71 -5.57 24.81
N ARG A 246 12.90 -6.58 23.96
CA ARG A 246 11.98 -6.86 22.85
C ARG A 246 11.86 -8.36 22.64
N VAL A 247 10.83 -8.75 21.94
CA VAL A 247 10.50 -10.17 21.71
C VAL A 247 9.99 -10.34 20.31
N MSE A 248 9.91 -11.60 19.89
CA MSE A 248 9.11 -12.04 18.74
C MSE A 248 7.83 -12.58 19.39
O MSE A 248 7.94 -13.42 20.28
CB MSE A 248 9.74 -13.07 17.83
CG MSE A 248 8.70 -13.51 16.75
SE MSE A 248 9.32 -14.76 15.50
CE MSE A 248 10.34 -13.51 14.41
N ARG A 249 6.64 -12.14 18.95
CA ARG A 249 5.35 -12.48 19.55
C ARG A 249 4.28 -12.52 18.49
N ALA A 250 3.31 -13.39 18.69
CA ALA A 250 2.11 -13.47 17.86
C ALA A 250 1.16 -12.35 18.28
N PRO A 251 0.59 -11.57 17.37
CA PRO A 251 -0.40 -10.56 17.81
C PRO A 251 -1.69 -11.21 18.33
N ASP A 252 -2.35 -10.60 19.35
CA ASP A 252 -3.58 -11.13 19.93
C ASP A 252 -4.77 -10.91 19.01
N GLY A 253 -4.66 -9.93 18.16
CA GLY A 253 -5.69 -9.53 17.22
C GLY A 253 -5.31 -8.26 16.51
N VAL A 254 -6.28 -7.66 15.84
CA VAL A 254 -6.02 -6.47 15.02
C VAL A 254 -5.68 -5.23 15.81
N CYS A 255 -6.27 -5.00 16.99
CA CYS A 255 -5.93 -3.81 17.79
C CYS A 255 -4.48 -3.85 18.21
N ASP A 256 -3.99 -5.05 18.58
CA ASP A 256 -2.60 -5.28 18.98
C ASP A 256 -1.69 -5.06 17.72
N LEU A 257 -2.03 -5.71 16.61
CA LEU A 257 -1.21 -5.64 15.41
C LEU A 257 -1.17 -4.26 14.79
N PHE A 258 -2.33 -3.63 14.68
CA PHE A 258 -2.42 -2.30 14.14
C PHE A 258 -1.66 -1.20 14.95
N THR A 259 -1.25 -1.46 16.21
CA THR A 259 -0.52 -0.51 17.04
C THR A 259 0.81 -1.10 17.48
N TRP A 260 1.35 -2.03 16.71
CA TRP A 260 2.51 -2.80 17.10
C TRP A 260 3.71 -1.94 17.40
N GLN A 261 4.31 -2.12 18.56
CA GLN A 261 5.54 -1.46 18.94
C GLN A 261 6.69 -2.23 18.34
N GLY A 262 6.90 -1.97 17.04
CA GLY A 262 7.99 -2.57 16.28
C GLY A 262 9.34 -1.96 16.55
N ARG A 263 9.36 -0.79 17.18
CA ARG A 263 10.57 -0.09 17.59
C ARG A 263 10.46 0.31 19.08
N ARG A 264 11.56 0.79 19.61
CA ARG A 264 11.68 1.40 20.91
C ARG A 264 12.21 2.81 20.65
N ILE A 265 11.36 3.79 20.91
CA ILE A 265 11.64 5.17 20.54
C ILE A 265 11.41 6.11 21.70
N ARG A 266 12.22 7.13 21.76
CA ARG A 266 12.04 8.21 22.73
C ARG A 266 12.28 9.53 22.04
N LEU A 267 11.29 10.44 22.13
CA LEU A 267 11.43 11.83 21.63
C LEU A 267 12.01 12.67 22.75
N PHE A 268 12.87 13.62 22.43
CA PHE A 268 13.43 14.52 23.45
C PHE A 268 12.90 15.95 23.18
N PRO A 269 11.74 16.32 23.71
CA PRO A 269 11.20 17.67 23.40
C PRO A 269 11.96 18.80 24.13
N GLU A 270 11.89 20.00 23.58
CA GLU A 270 12.54 21.18 24.15
C GLU A 270 11.65 22.36 23.98
N ARG A 271 11.62 23.22 25.00
N ARG A 271 11.54 23.20 25.02
CA ARG A 271 10.87 24.46 24.98
CA ARG A 271 10.74 24.42 24.90
C ARG A 271 11.75 25.53 24.33
C ARG A 271 11.66 25.53 24.38
N ARG A 272 11.25 26.19 23.29
CA ARG A 272 12.01 27.29 22.64
C ARG A 272 11.05 28.49 22.65
N GLY A 273 11.21 29.36 23.65
CA GLY A 273 10.28 30.47 23.86
C GLY A 273 8.95 29.83 24.25
N ASP A 274 7.86 30.15 23.59
CA ASP A 274 6.58 29.52 23.90
C ASP A 274 6.32 28.21 23.14
N ALA A 275 7.18 27.85 22.16
CA ALA A 275 6.98 26.67 21.33
C ALA A 275 7.64 25.45 21.89
N ILE A 276 6.98 24.31 21.82
CA ILE A 276 7.58 23.03 22.13
C ILE A 276 7.99 22.46 20.79
N VAL A 277 9.22 22.02 20.65
CA VAL A 277 9.66 21.35 19.43
C VAL A 277 10.39 20.08 19.86
N VAL A 278 10.69 19.25 18.85
CA VAL A 278 11.40 17.99 19.07
C VAL A 278 12.69 18.02 18.24
N PRO A 279 13.84 18.37 18.82
CA PRO A 279 15.10 18.40 18.01
C PRO A 279 15.86 17.07 17.98
N ARG A 280 15.60 16.15 18.94
CA ARG A 280 16.36 14.91 19.05
C ARG A 280 15.46 13.72 19.32
N VAL A 281 15.96 12.51 18.98
CA VAL A 281 15.22 11.27 19.11
C VAL A 281 16.21 10.09 19.29
N LEU A 282 15.75 9.03 19.95
CA LEU A 282 16.48 7.77 20.09
C LEU A 282 15.58 6.69 19.48
N ILE A 283 16.11 5.92 18.52
CA ILE A 283 15.33 4.91 17.79
C ILE A 283 16.09 3.60 17.83
N CYS A 284 15.47 2.59 18.42
CA CYS A 284 16.04 1.27 18.69
C CYS A 284 15.11 0.19 18.23
N ALA A 285 15.63 -1.03 18.21
CA ALA A 285 14.84 -2.19 17.80
C ALA A 285 13.71 -2.50 18.74
N GLY A 286 12.58 -2.92 18.19
CA GLY A 286 11.44 -3.34 19.02
C GLY A 286 10.98 -4.75 18.68
N ASP A 287 9.70 -5.00 18.94
CA ASP A 287 9.16 -6.31 18.81
C ASP A 287 8.96 -6.76 17.38
N GLU A 288 9.16 -8.04 17.14
CA GLU A 288 8.98 -8.61 15.80
C GLU A 288 7.65 -9.37 15.75
N VAL A 289 6.91 -9.21 14.67
CA VAL A 289 5.64 -9.89 14.49
C VAL A 289 5.91 -11.33 14.02
N ASP A 290 5.29 -12.28 14.69
CA ASP A 290 5.27 -13.69 14.26
C ASP A 290 4.48 -13.74 12.94
N ARG A 291 5.20 -14.00 11.85
CA ARG A 291 4.65 -13.91 10.49
C ARG A 291 3.57 -14.97 10.20
N ARG A 292 3.66 -16.15 10.86
CA ARG A 292 2.63 -17.19 10.74
C ARG A 292 1.34 -16.72 11.36
N ALA A 293 1.42 -16.18 12.59
CA ALA A 293 0.23 -15.65 13.27
C ALA A 293 -0.36 -14.42 12.53
N ALA A 294 0.47 -13.57 11.88
CA ALA A 294 -0.03 -12.37 11.17
C ALA A 294 -1.02 -12.72 10.06
N ARG A 295 -0.79 -13.85 9.37
CA ARG A 295 -1.64 -14.30 8.28
C ARG A 295 -3.07 -14.56 8.78
N ASP A 296 -3.22 -15.07 9.98
CA ASP A 296 -4.55 -15.29 10.57
C ASP A 296 -5.22 -14.01 11.01
N VAL A 297 -4.45 -13.00 11.39
CA VAL A 297 -4.99 -11.80 11.98
C VAL A 297 -5.38 -10.69 10.99
N ASP A 298 -4.50 -10.41 10.05
CA ASP A 298 -4.47 -9.14 9.32
C ASP A 298 -5.33 -9.12 8.05
N PRO A 299 -6.32 -8.21 8.01
CA PRO A 299 -7.19 -8.14 6.85
C PRO A 299 -6.62 -7.37 5.65
N HIS A 300 -5.50 -6.69 5.80
CA HIS A 300 -4.97 -5.79 4.76
C HIS A 300 -3.85 -6.41 3.86
N VAL A 301 -3.67 -7.71 3.92
CA VAL A 301 -2.61 -8.38 3.16
C VAL A 301 -3.15 -9.71 2.55
N GLY A 302 -2.85 -9.93 1.26
CA GLY A 302 -3.14 -11.16 0.55
C GLY A 302 -1.88 -12.02 0.60
N TRP A 303 -2.01 -13.32 0.37
CA TRP A 303 -0.91 -14.29 0.51
C TRP A 303 -0.80 -15.22 -0.67
N ARG A 304 0.42 -15.65 -0.92
CA ARG A 304 0.73 -16.66 -1.92
C ARG A 304 1.41 -17.79 -1.19
N MSE A 305 1.06 -19.00 -1.50
CA MSE A 305 1.73 -20.15 -0.90
C MSE A 305 3.08 -20.34 -1.59
O MSE A 305 3.11 -20.54 -2.79
CB MSE A 305 0.87 -21.42 -1.04
CG MSE A 305 1.49 -22.60 -0.28
SE MSE A 305 0.69 -24.19 -0.73
CE MSE A 305 1.66 -24.50 -2.33
N GLU A 306 4.18 -20.19 -0.85
CA GLU A 306 5.55 -20.26 -1.38
C GLU A 306 6.07 -21.68 -1.43
N SER A 307 5.87 -22.47 -0.34
CA SER A 307 6.28 -23.88 -0.34
C SER A 307 5.36 -24.71 0.59
N ARG A 308 5.26 -26.00 0.31
CA ARG A 308 4.50 -26.97 1.07
C ARG A 308 5.32 -28.22 1.19
N ARG A 309 5.60 -28.69 2.43
CA ARG A 309 6.28 -29.96 2.71
C ARG A 309 5.40 -30.65 3.73
N GLY A 310 4.51 -31.53 3.28
CA GLY A 310 3.52 -32.15 4.16
C GLY A 310 2.71 -31.09 4.87
N ALA A 311 2.70 -31.13 6.20
CA ALA A 311 1.97 -30.13 7.02
C ALA A 311 2.65 -28.81 7.11
N GLU A 312 3.94 -28.68 6.69
CA GLU A 312 4.64 -27.38 6.81
C GLU A 312 4.40 -26.57 5.57
N VAL A 313 3.73 -25.46 5.68
CA VAL A 313 3.42 -24.60 4.54
C VAL A 313 3.95 -23.22 4.81
N SER A 314 4.62 -22.59 3.84
CA SER A 314 5.03 -21.19 4.00
C SER A 314 4.30 -20.31 2.99
N TYR A 315 3.95 -19.14 3.46
CA TYR A 315 3.25 -18.13 2.71
C TYR A 315 4.06 -16.89 2.66
N VAL A 316 3.95 -16.16 1.56
CA VAL A 316 4.58 -14.86 1.46
C VAL A 316 3.49 -13.85 1.10
N PRO A 317 3.65 -12.57 1.48
CA PRO A 317 2.62 -11.58 1.10
C PRO A 317 2.55 -11.33 -0.40
N LEU A 318 1.36 -11.15 -0.93
CA LEU A 318 1.20 -10.67 -2.31
C LEU A 318 1.58 -9.18 -2.33
N ARG A 319 2.33 -8.76 -3.33
CA ARG A 319 2.89 -7.40 -3.37
C ARG A 319 2.68 -6.72 -4.66
N ALA A 320 2.14 -5.49 -4.58
CA ALA A 320 2.00 -4.58 -5.69
C ALA A 320 3.42 -4.35 -6.19
N ARG A 321 3.62 -4.58 -7.47
CA ARG A 321 4.96 -4.49 -8.05
C ARG A 321 5.33 -2.99 -8.23
N PRO A 322 6.45 -2.46 -7.67
CA PRO A 322 6.80 -1.04 -7.95
C PRO A 322 7.21 -0.85 -9.41
N GLY A 323 7.13 0.38 -9.86
CA GLY A 323 7.55 0.72 -11.19
C GLY A 323 6.54 0.42 -12.29
N GLN A 324 5.28 -0.01 -11.95
N GLN A 324 5.30 -0.02 -11.92
CA GLN A 324 4.19 -0.19 -12.94
CA GLN A 324 4.18 -0.37 -12.82
C GLN A 324 2.90 0.39 -12.40
C GLN A 324 2.89 0.35 -12.35
N GLN A 325 1.98 0.70 -13.28
CA GLN A 325 0.63 1.25 -12.92
C GLN A 325 -0.09 0.10 -12.18
N VAL A 326 -0.84 0.37 -11.14
CA VAL A 326 -1.35 -0.67 -10.25
C VAL A 326 -2.27 -1.65 -10.98
N TRP A 327 -3.06 -1.21 -11.95
CA TRP A 327 -3.93 -2.17 -12.68
C TRP A 327 -3.18 -3.24 -13.48
N ARG A 328 -1.87 -3.02 -13.79
CA ARG A 328 -1.10 -4.04 -14.45
C ARG A 328 -0.92 -5.27 -13.52
N GLY A 329 -1.02 -5.09 -12.20
CA GLY A 329 -0.94 -6.17 -11.24
C GLY A 329 -2.33 -6.49 -10.67
N LEU A 330 -3.43 -6.25 -11.43
CA LEU A 330 -4.77 -6.51 -10.90
C LEU A 330 -4.94 -7.99 -10.43
N SER A 331 -4.34 -8.92 -11.12
CA SER A 331 -4.43 -10.35 -10.75
C SER A 331 -3.78 -10.60 -9.36
N SER A 332 -2.83 -9.78 -8.91
CA SER A 332 -2.22 -9.92 -7.57
C SER A 332 -3.13 -9.29 -6.46
N VAL A 333 -4.07 -8.42 -6.85
CA VAL A 333 -5.05 -7.83 -5.97
C VAL A 333 -6.19 -8.82 -5.81
N LEU A 334 -6.72 -9.27 -6.89
CA LEU A 334 -7.86 -10.22 -6.89
C LEU A 334 -7.48 -11.65 -6.44
N ALA A 335 -6.17 -12.01 -6.54
CA ALA A 335 -5.61 -13.25 -6.02
C ALA A 335 -6.44 -14.44 -6.53
N LEU A 336 -6.66 -14.53 -7.83
CA LEU A 336 -7.57 -15.56 -8.37
C LEU A 336 -6.87 -16.90 -8.68
N GLY A 337 -5.53 -16.94 -8.64
CA GLY A 337 -4.79 -18.21 -8.77
C GLY A 337 -5.04 -19.15 -7.61
N ALA A 338 -4.81 -20.45 -7.84
CA ALA A 338 -5.02 -21.51 -6.85
C ALA A 338 -4.11 -21.38 -5.65
N GLU A 339 -2.93 -20.78 -5.78
CA GLU A 339 -2.01 -20.68 -4.65
C GLU A 339 -2.08 -19.28 -3.97
N GLU A 340 -3.10 -18.46 -4.29
CA GLU A 340 -3.22 -17.07 -3.86
C GLU A 340 -4.49 -16.87 -3.06
N GLN A 341 -4.47 -15.99 -2.09
CA GLN A 341 -5.62 -15.71 -1.24
C GLN A 341 -5.69 -14.19 -1.05
N ARG A 342 -6.80 -13.58 -1.47
CA ARG A 342 -6.95 -12.14 -1.40
C ARG A 342 -6.98 -11.63 0.09
N ALA A 343 -6.66 -10.35 0.24
CA ALA A 343 -6.74 -9.63 1.52
C ALA A 343 -8.12 -9.83 2.11
N GLY A 344 -8.18 -10.14 3.41
CA GLY A 344 -9.47 -10.44 4.04
C GLY A 344 -10.45 -9.29 3.95
N VAL A 345 -9.93 -8.06 3.87
CA VAL A 345 -10.79 -6.85 3.75
C VAL A 345 -11.55 -6.86 2.42
N LEU A 346 -10.92 -7.42 1.36
CA LEU A 346 -11.59 -7.48 0.08
C LEU A 346 -12.71 -8.54 0.09
N SER A 347 -12.49 -9.67 0.77
CA SER A 347 -13.52 -10.71 0.95
C SER A 347 -14.65 -10.14 1.77
N PHE A 348 -14.35 -9.26 2.76
CA PHE A 348 -15.45 -8.65 3.50
C PHE A 348 -16.26 -7.71 2.57
N VAL A 349 -15.58 -6.79 1.86
CA VAL A 349 -16.23 -5.78 1.00
C VAL A 349 -17.06 -6.48 -0.15
N GLU A 350 -16.56 -7.60 -0.65
CA GLU A 350 -17.19 -8.40 -1.71
C GLU A 350 -18.66 -8.70 -1.35
N GLY A 351 -18.98 -8.90 -0.07
CA GLY A 351 -20.34 -9.15 0.36
C GLY A 351 -21.21 -7.95 0.66
N LEU A 352 -20.81 -6.70 0.30
CA LEU A 352 -21.57 -5.47 0.67
C LEU A 352 -22.40 -4.78 -0.46
N GLN A 353 -22.57 -5.38 -1.59
CA GLN A 353 -23.43 -4.77 -2.66
C GLN A 353 -24.90 -4.39 -2.20
N SER A 354 -25.51 -5.23 -1.36
CA SER A 354 -26.89 -4.95 -0.92
C SER A 354 -26.93 -3.70 0.00
N ARG A 355 -25.76 -3.15 0.46
CA ARG A 355 -25.68 -1.90 1.24
C ARG A 355 -25.60 -0.60 0.38
N GLY A 356 -25.76 -0.69 -0.94
CA GLY A 356 -25.71 0.49 -1.80
C GLY A 356 -24.31 0.96 -2.18
N ILE A 357 -23.31 0.06 -2.17
CA ILE A 357 -21.92 0.39 -2.52
C ILE A 357 -21.63 -0.23 -3.88
N ALA A 358 -21.29 0.58 -4.87
CA ALA A 358 -20.96 0.07 -6.20
C ALA A 358 -19.44 0.02 -6.44
N LEU A 359 -18.69 1.02 -5.91
CA LEU A 359 -17.26 1.15 -6.06
C LEU A 359 -16.57 1.51 -4.78
N VAL A 360 -15.32 1.12 -4.72
CA VAL A 360 -14.37 1.50 -3.64
C VAL A 360 -13.12 1.88 -4.31
N SER A 361 -12.36 2.71 -3.66
CA SER A 361 -11.05 3.07 -4.15
C SER A 361 -10.03 2.23 -3.32
N LEU A 362 -9.28 1.34 -3.99
CA LEU A 362 -8.35 0.49 -3.29
C LEU A 362 -7.02 1.17 -3.17
N LEU A 363 -6.57 1.40 -1.96
CA LEU A 363 -5.26 1.99 -1.68
C LEU A 363 -4.29 0.86 -1.59
N VAL A 364 -3.22 0.87 -2.37
CA VAL A 364 -2.21 -0.17 -2.33
C VAL A 364 -0.87 0.42 -2.02
N THR A 365 -0.14 -0.19 -1.12
CA THR A 365 1.28 0.16 -0.90
C THR A 365 2.20 -1.08 -0.76
N SER A 366 3.46 -0.97 -1.22
CA SER A 366 4.50 -1.99 -0.94
C SER A 366 5.83 -1.34 -0.97
N ALA A 367 6.82 -1.98 -0.39
CA ALA A 367 8.18 -1.44 -0.29
C ALA A 367 9.16 -2.47 -0.66
N LYS A 368 10.32 -2.01 -1.16
CA LYS A 368 11.48 -2.82 -1.52
C LYS A 368 12.73 -2.16 -0.92
N PHE A 369 13.54 -2.96 -0.20
CA PHE A 369 14.74 -2.52 0.49
C PHE A 369 15.97 -3.09 -0.15
N GLY A 370 17.06 -2.35 -0.05
CA GLY A 370 18.38 -2.78 -0.50
C GLY A 370 19.39 -2.71 0.64
N ASN A 371 20.63 -3.08 0.32
CA ASN A 371 21.77 -3.03 1.23
C ASN A 371 21.47 -3.68 2.59
N MSE A 372 21.09 -4.98 2.57
CA MSE A 372 20.79 -5.79 3.74
C MSE A 372 19.66 -5.10 4.58
O MSE A 372 19.79 -4.87 5.79
CB MSE A 372 22.07 -6.00 4.60
CG MSE A 372 23.16 -6.90 3.90
SE MSE A 372 22.52 -8.75 3.77
CE MSE A 372 22.05 -8.81 1.91
N SER A 373 18.60 -4.72 3.88
CA SER A 373 17.39 -4.15 4.44
C SER A 373 17.62 -2.80 5.16
N THR A 374 18.67 -2.07 4.80
CA THR A 374 18.99 -0.77 5.40
C THR A 374 18.40 0.38 4.58
N THR A 375 18.29 0.26 3.23
CA THR A 375 17.83 1.38 2.41
C THR A 375 16.51 1.07 1.70
N LEU A 376 15.57 2.00 1.75
CA LEU A 376 14.31 1.89 1.03
C LEU A 376 14.59 2.20 -0.42
N ASP A 377 14.58 1.18 -1.26
CA ASP A 377 14.93 1.36 -2.68
C ASP A 377 13.74 1.69 -3.53
N ASP A 378 12.57 1.18 -3.21
CA ASP A 378 11.41 1.43 -4.04
C ASP A 378 10.19 1.40 -3.21
N LEU A 379 9.24 2.21 -3.58
CA LEU A 379 7.97 2.26 -2.87
C LEU A 379 6.86 2.25 -3.90
N ALA A 380 5.96 1.27 -3.85
CA ALA A 380 4.76 1.23 -4.71
C ALA A 380 3.63 1.89 -3.88
N TYR A 381 2.90 2.79 -4.49
CA TYR A 381 1.84 3.54 -3.81
C TYR A 381 0.79 3.89 -4.88
N ASP A 382 -0.48 3.52 -4.70
CA ASP A 382 -1.48 3.78 -5.74
C ASP A 382 -2.85 3.61 -5.22
N ARG A 383 -3.85 4.19 -5.95
N ARG A 383 -3.79 4.09 -6.02
CA ARG A 383 -5.30 4.07 -5.69
CA ARG A 383 -5.20 4.05 -5.80
C ARG A 383 -6.02 3.65 -6.98
C ARG A 383 -5.88 3.55 -7.06
N LEU A 384 -6.79 2.58 -6.92
CA LEU A 384 -7.51 2.04 -8.03
C LEU A 384 -9.01 2.03 -7.73
N ASP A 385 -9.80 2.76 -8.52
CA ASP A 385 -11.26 2.72 -8.42
C ASP A 385 -11.81 1.39 -8.95
N THR A 386 -12.31 0.56 -8.03
CA THR A 386 -12.68 -0.80 -8.29
C THR A 386 -14.17 -1.13 -7.97
N PRO A 387 -14.91 -1.63 -8.98
CA PRO A 387 -16.29 -2.06 -8.74
C PRO A 387 -16.37 -3.25 -7.84
N LEU A 388 -17.37 -3.27 -6.96
CA LEU A 388 -17.58 -4.45 -6.14
C LEU A 388 -17.91 -5.64 -7.04
N ALA A 389 -18.46 -5.37 -8.21
CA ALA A 389 -18.71 -6.46 -9.21
C ALA A 389 -17.44 -7.23 -9.60
N VAL A 390 -16.28 -6.57 -9.63
CA VAL A 390 -15.00 -7.19 -10.01
C VAL A 390 -14.46 -8.07 -8.86
N LEU A 391 -14.85 -7.74 -7.63
CA LEU A 391 -14.50 -8.51 -6.42
C LEU A 391 -15.34 -9.77 -6.31
N ASN A 392 -16.47 -9.83 -7.05
CA ASN A 392 -17.41 -10.99 -7.03
C ASN A 392 -16.79 -12.28 -7.53
N GLN A 393 -16.67 -13.24 -6.64
CA GLN A 393 -16.13 -14.56 -6.95
C GLN A 393 -17.23 -15.61 -7.30
N GLU A 394 -18.47 -15.31 -6.91
CA GLU A 394 -19.69 -16.11 -7.19
C GLU A 394 -19.94 -16.11 -8.71
N ASP A 395 -20.07 -14.88 -9.31
CA ASP A 395 -20.18 -14.64 -10.75
C ASP A 395 -18.90 -13.93 -11.19
N PRO A 396 -17.94 -14.68 -11.73
CA PRO A 396 -16.65 -14.09 -12.05
C PRO A 396 -16.55 -13.36 -13.39
N ALA A 397 -17.64 -13.10 -14.13
CA ALA A 397 -17.54 -12.49 -15.47
C ALA A 397 -16.90 -11.07 -15.45
N ALA A 398 -17.26 -10.23 -14.51
CA ALA A 398 -16.70 -8.88 -14.41
C ALA A 398 -15.17 -8.90 -14.13
N ALA A 399 -14.72 -9.74 -13.20
CA ALA A 399 -13.29 -9.90 -12.91
C ALA A 399 -12.56 -10.47 -14.14
N THR A 400 -13.19 -11.43 -14.82
CA THR A 400 -12.59 -12.06 -16.00
C THR A 400 -12.35 -11.03 -17.14
N VAL A 401 -13.35 -10.19 -17.43
CA VAL A 401 -13.15 -9.16 -18.48
C VAL A 401 -12.07 -8.15 -18.01
N ALA A 402 -12.09 -7.78 -16.71
CA ALA A 402 -11.04 -6.84 -16.21
C ALA A 402 -9.62 -7.42 -16.37
N ILE A 403 -9.41 -8.67 -15.95
CA ILE A 403 -8.11 -9.34 -16.08
C ILE A 403 -7.76 -9.55 -17.56
N ASP A 404 -8.71 -10.00 -18.37
CA ASP A 404 -8.48 -10.23 -19.80
C ASP A 404 -8.09 -8.94 -20.53
N ALA A 405 -8.63 -7.83 -20.09
CA ALA A 405 -8.34 -6.51 -20.69
C ALA A 405 -6.90 -6.11 -20.41
N VAL A 406 -6.40 -6.46 -19.23
CA VAL A 406 -4.99 -6.23 -18.87
C VAL A 406 -4.10 -7.12 -19.78
N THR A 407 -4.47 -8.38 -19.95
CA THR A 407 -3.74 -9.33 -20.82
C THR A 407 -3.67 -8.83 -22.28
N PHE A 408 -4.78 -8.29 -22.78
CA PHE A 408 -4.80 -7.74 -24.13
C PHE A 408 -3.86 -6.54 -24.23
N ALA A 409 -3.88 -5.63 -23.26
CA ALA A 409 -2.93 -4.51 -23.25
C ALA A 409 -1.45 -5.03 -23.30
N ALA A 410 -1.14 -6.04 -22.48
CA ALA A 410 0.20 -6.66 -22.44
C ALA A 410 0.57 -7.29 -23.82
N HIS A 411 -0.38 -7.90 -24.52
CA HIS A 411 -0.11 -8.46 -25.83
C HIS A 411 0.07 -7.34 -26.84
N ALA A 412 -0.66 -6.23 -26.75
CA ALA A 412 -0.43 -5.10 -27.68
C ALA A 412 0.96 -4.50 -27.45
N ALA A 413 1.37 -4.40 -26.18
CA ALA A 413 2.71 -3.85 -25.86
C ALA A 413 3.82 -4.73 -26.44
N GLN A 414 3.64 -6.04 -26.36
CA GLN A 414 4.58 -7.02 -26.87
C GLN A 414 4.60 -6.94 -28.40
N ALA A 415 3.41 -6.87 -29.04
CA ALA A 415 3.35 -6.73 -30.50
C ALA A 415 4.10 -5.49 -31.01
N LEU A 416 4.00 -4.40 -30.29
CA LEU A 416 4.73 -3.18 -30.63
C LEU A 416 6.24 -3.34 -30.61
N GLY A 417 6.76 -4.36 -29.94
CA GLY A 417 8.19 -4.62 -29.91
C GLY A 417 8.77 -4.80 -31.32
N TYR A 418 8.03 -5.42 -32.25
CA TYR A 418 8.50 -5.64 -33.63
C TYR A 418 8.72 -4.31 -34.35
N VAL A 419 7.97 -3.27 -34.00
CA VAL A 419 8.14 -1.94 -34.57
C VAL A 419 9.30 -1.24 -33.85
N ALA A 420 9.38 -1.37 -32.51
CA ALA A 420 10.45 -0.72 -31.71
C ALA A 420 11.84 -1.16 -32.17
N GLU A 421 11.95 -2.41 -32.52
CA GLU A 421 13.26 -2.94 -32.93
C GLU A 421 13.61 -2.69 -34.41
N ALA A 422 12.65 -2.15 -35.22
CA ALA A 422 12.87 -1.97 -36.64
C ALA A 422 14.13 -1.16 -36.94
N ARG A 423 14.42 -0.14 -36.16
CA ARG A 423 15.63 0.65 -36.41
C ARG A 423 16.96 -0.17 -36.24
N TYR A 424 16.91 -1.33 -35.63
CA TYR A 424 18.09 -2.16 -35.36
C TYR A 424 18.08 -3.42 -36.19
N LEU A 425 17.04 -3.63 -36.97
CA LEU A 425 16.95 -4.86 -37.74
C LEU A 425 17.93 -4.89 -38.92
N SER A 426 18.47 -6.09 -39.15
CA SER A 426 19.35 -6.48 -40.28
C SER A 426 18.54 -7.27 -41.28
N TYR A 427 19.05 -7.34 -42.52
CA TYR A 427 18.59 -8.24 -43.56
C TYR A 427 19.82 -9.13 -43.82
N ASP A 428 19.86 -10.29 -43.19
CA ASP A 428 21.04 -11.12 -43.11
C ASP A 428 20.99 -12.28 -44.10
N LEU A 429 21.80 -12.15 -45.18
CA LEU A 429 21.89 -13.07 -46.30
C LEU A 429 22.48 -14.45 -45.98
N SER A 430 23.02 -14.67 -44.79
CA SER A 430 23.51 -16.00 -44.43
C SER A 430 22.37 -16.91 -43.94
N PHE A 431 21.10 -16.38 -43.86
CA PHE A 431 19.92 -17.19 -43.55
C PHE A 431 19.16 -17.44 -44.87
N HIS A 432 18.40 -18.53 -44.96
CA HIS A 432 17.82 -19.00 -46.22
C HIS A 432 16.32 -18.94 -46.24
N GLU A 433 15.72 -18.21 -45.31
CA GLU A 433 14.29 -17.98 -45.20
C GLU A 433 14.10 -16.51 -44.95
N GLU A 434 13.14 -15.92 -45.61
CA GLU A 434 12.88 -14.49 -45.55
C GLU A 434 12.60 -14.02 -44.10
N SER A 435 11.86 -14.81 -43.28
CA SER A 435 11.59 -14.49 -41.87
C SER A 435 12.88 -14.48 -41.02
N LYS A 436 13.73 -15.49 -41.22
CA LYS A 436 15.01 -15.59 -40.51
C LYS A 436 16.02 -14.55 -40.99
N ARG A 437 15.93 -14.05 -42.22
CA ARG A 437 16.86 -12.98 -42.68
C ARG A 437 16.58 -11.66 -41.92
N HIS A 438 15.32 -11.37 -41.55
CA HIS A 438 14.91 -10.16 -40.86
C HIS A 438 15.12 -10.40 -39.38
N ARG A 439 16.28 -9.99 -38.87
CA ARG A 439 16.67 -10.28 -37.51
C ARG A 439 17.49 -9.13 -36.90
N VAL A 440 17.48 -9.07 -35.59
CA VAL A 440 18.33 -8.11 -34.87
C VAL A 440 19.68 -8.79 -34.72
N PRO A 441 20.77 -8.23 -35.17
CA PRO A 441 22.06 -8.90 -34.91
C PRO A 441 22.40 -8.94 -33.42
N GLU A 442 23.17 -9.95 -33.05
CA GLU A 442 23.51 -10.23 -31.66
C GLU A 442 24.16 -9.00 -30.95
N GLY A 443 25.04 -8.25 -31.65
CA GLY A 443 25.65 -7.04 -31.11
C GLY A 443 24.67 -5.94 -30.72
N LYS A 444 23.41 -5.95 -31.25
CA LYS A 444 22.36 -4.97 -30.93
C LYS A 444 21.20 -5.55 -30.16
N ALA A 445 21.32 -6.82 -29.73
CA ALA A 445 20.20 -7.47 -29.01
C ALA A 445 19.81 -6.75 -27.74
N ALA A 446 20.79 -6.40 -26.87
CA ALA A 446 20.44 -5.76 -25.60
C ALA A 446 19.81 -4.37 -25.85
N LEU A 447 20.31 -3.63 -26.77
CA LEU A 447 19.72 -2.31 -27.13
C LEU A 447 18.30 -2.45 -27.68
N ALA A 448 18.11 -3.36 -28.61
CA ALA A 448 16.74 -3.59 -29.17
C ALA A 448 15.79 -4.01 -28.10
N LYS A 449 16.26 -4.81 -27.12
CA LYS A 449 15.39 -5.22 -26.01
C LYS A 449 14.99 -4.06 -25.13
N ALA A 450 15.93 -3.16 -24.88
CA ALA A 450 15.62 -1.97 -24.08
C ALA A 450 14.64 -1.05 -24.89
N ALA A 451 14.80 -0.94 -26.20
CA ALA A 451 13.84 -0.14 -27.00
C ALA A 451 12.43 -0.76 -26.97
N ARG A 452 12.33 -2.09 -27.04
CA ARG A 452 11.02 -2.77 -26.96
C ARG A 452 10.32 -2.45 -25.61
N SER A 453 11.09 -2.49 -24.51
N SER A 453 11.09 -2.44 -24.49
CA SER A 453 10.57 -2.17 -23.19
CA SER A 453 10.52 -2.12 -23.18
C SER A 453 10.11 -0.75 -23.12
C SER A 453 10.10 -0.71 -23.11
N ALA A 454 10.90 0.22 -23.67
CA ALA A 454 10.51 1.64 -23.65
C ALA A 454 9.19 1.84 -24.42
N LEU A 455 9.00 1.21 -25.56
CA LEU A 455 7.76 1.40 -26.31
C LEU A 455 6.56 0.72 -25.59
N ALA A 456 6.78 -0.43 -24.94
CA ALA A 456 5.76 -1.05 -24.06
C ALA A 456 5.38 -0.10 -22.93
N GLU A 457 6.39 0.49 -22.24
CA GLU A 457 6.05 1.44 -21.17
C GLU A 457 5.27 2.63 -21.70
N GLU A 458 5.60 3.10 -22.88
CA GLU A 458 4.84 4.22 -23.45
C GLU A 458 3.34 3.84 -23.70
N ILE A 459 3.04 2.69 -24.28
CA ILE A 459 1.64 2.32 -24.46
C ILE A 459 0.94 2.12 -23.07
N TYR A 460 1.61 1.57 -22.06
CA TYR A 460 0.96 1.46 -20.75
C TYR A 460 0.60 2.85 -20.20
N GLY A 461 1.48 3.86 -20.40
CA GLY A 461 1.22 5.20 -19.90
C GLY A 461 -0.03 5.76 -20.60
N ARG A 462 -0.16 5.52 -21.93
N ARG A 462 -0.15 5.53 -21.93
CA ARG A 462 -1.32 5.96 -22.71
CA ARG A 462 -1.30 5.95 -22.72
C ARG A 462 -2.59 5.18 -22.39
C ARG A 462 -2.57 5.19 -22.37
N LEU A 463 -2.48 3.95 -21.88
CA LEU A 463 -3.69 3.15 -21.54
C LEU A 463 -4.10 3.33 -20.09
N ASP A 464 -3.36 4.15 -19.31
CA ASP A 464 -3.67 4.25 -17.90
C ASP A 464 -5.06 4.88 -17.67
N ALA A 465 -5.32 6.09 -18.17
CA ALA A 465 -6.61 6.74 -17.92
C ALA A 465 -7.76 5.99 -18.62
N PRO A 466 -7.55 5.45 -19.86
CA PRO A 466 -8.59 4.61 -20.48
C PRO A 466 -8.89 3.31 -19.71
N TYR A 467 -7.86 2.60 -19.16
CA TYR A 467 -8.12 1.38 -18.40
C TYR A 467 -8.95 1.69 -17.13
N ARG A 468 -8.59 2.72 -16.43
CA ARG A 468 -9.29 3.10 -15.19
C ARG A 468 -10.79 3.41 -15.44
N HIS A 469 -11.08 4.12 -16.53
CA HIS A 469 -12.44 4.44 -17.01
C HIS A 469 -13.17 3.15 -17.39
N PHE A 470 -12.50 2.26 -18.09
CA PHE A 470 -13.08 0.97 -18.46
C PHE A 470 -13.44 0.15 -17.21
N LEU A 471 -12.50 0.06 -16.24
CA LEU A 471 -12.70 -0.71 -15.05
C LEU A 471 -13.87 -0.15 -14.20
N THR A 472 -13.92 1.18 -14.03
CA THR A 472 -15.04 1.85 -13.30
C THR A 472 -16.37 1.55 -13.99
N GLY A 473 -16.39 1.54 -15.31
CA GLY A 473 -17.64 1.28 -16.08
C GLY A 473 -18.22 -0.11 -15.92
N LEU A 474 -17.43 -1.07 -15.41
CA LEU A 474 -17.92 -2.45 -15.22
C LEU A 474 -18.92 -2.55 -14.07
N ALA A 475 -19.00 -1.54 -13.22
CA ALA A 475 -19.94 -1.50 -12.11
C ALA A 475 -21.42 -1.55 -12.55
N ASN A 476 -21.76 -0.97 -13.71
CA ASN A 476 -23.17 -0.87 -14.09
C ASN A 476 -23.52 -1.57 -15.40
N ILE A 477 -22.82 -2.62 -15.75
CA ILE A 477 -23.03 -3.33 -17.02
C ILE A 477 -23.45 -4.78 -16.79
N ASP A 478 -24.45 -5.20 -17.49
CA ASP A 478 -25.02 -6.56 -17.47
C ASP A 478 -24.31 -7.36 -18.57
N ASP A 479 -24.41 -6.94 -19.81
CA ASP A 479 -23.72 -7.61 -20.93
C ASP A 479 -22.28 -7.12 -21.08
N LEU A 480 -21.36 -7.90 -20.52
CA LEU A 480 -19.95 -7.57 -20.47
C LEU A 480 -19.23 -7.82 -21.82
N GLU A 481 -19.91 -8.32 -22.85
CA GLU A 481 -19.29 -8.46 -24.16
C GLU A 481 -19.05 -7.07 -24.82
N ARG A 482 -19.85 -6.07 -24.46
CA ARG A 482 -19.72 -4.71 -25.00
C ARG A 482 -18.45 -4.03 -24.52
N PRO A 483 -18.16 -3.90 -23.21
CA PRO A 483 -16.90 -3.25 -22.82
C PRO A 483 -15.65 -4.03 -23.29
N ARG A 484 -15.78 -5.35 -23.46
CA ARG A 484 -14.71 -6.24 -24.00
C ARG A 484 -14.40 -5.77 -25.44
N ALA A 485 -15.44 -5.60 -26.29
CA ALA A 485 -15.28 -5.10 -27.65
C ALA A 485 -14.78 -3.61 -27.66
N GLU A 486 -15.29 -2.76 -26.76
CA GLU A 486 -14.80 -1.37 -26.69
C GLU A 486 -13.34 -1.26 -26.33
N TRP A 487 -12.91 -2.03 -25.33
CA TRP A 487 -11.54 -1.99 -24.90
C TRP A 487 -10.60 -2.49 -26.07
N ALA A 488 -11.03 -3.54 -26.78
CA ALA A 488 -10.26 -4.08 -27.90
C ALA A 488 -9.98 -3.00 -28.95
N ALA A 489 -11.02 -2.29 -29.38
CA ALA A 489 -10.86 -1.21 -30.37
C ALA A 489 -10.02 -0.04 -29.81
N LEU A 490 -10.19 0.35 -28.54
CA LEU A 490 -9.38 1.44 -27.97
C LEU A 490 -7.88 1.06 -27.97
N VAL A 491 -7.56 -0.13 -27.50
CA VAL A 491 -6.14 -0.55 -27.42
C VAL A 491 -5.52 -0.62 -28.83
N GLU A 492 -6.25 -1.15 -29.81
CA GLU A 492 -5.73 -1.22 -31.18
C GLU A 492 -5.42 0.15 -31.74
N ALA A 493 -6.36 1.10 -31.56
CA ALA A 493 -6.19 2.49 -32.01
C ALA A 493 -4.97 3.14 -31.36
N VAL A 494 -4.74 2.92 -30.06
CA VAL A 494 -3.56 3.49 -29.40
C VAL A 494 -2.31 2.80 -29.96
N ALA A 495 -2.35 1.48 -30.11
CA ALA A 495 -1.17 0.73 -30.59
C ALA A 495 -0.80 1.11 -32.02
N ARG A 496 -1.80 1.31 -32.90
CA ARG A 496 -1.50 1.72 -34.29
C ARG A 496 -0.99 3.16 -34.37
N ASP A 497 -1.45 4.06 -33.51
CA ASP A 497 -0.91 5.42 -33.48
C ASP A 497 0.59 5.41 -33.11
N LEU A 498 0.94 4.63 -32.06
CA LEU A 498 2.34 4.53 -31.69
C LEU A 498 3.15 3.87 -32.78
N ALA A 499 2.61 2.82 -33.40
CA ALA A 499 3.34 2.12 -34.47
C ALA A 499 3.58 3.06 -35.67
N SER A 500 2.56 3.85 -36.06
CA SER A 500 2.71 4.82 -37.16
C SER A 500 3.78 5.88 -36.86
N ARG A 501 3.80 6.41 -35.64
CA ARG A 501 4.85 7.38 -35.30
C ARG A 501 6.27 6.77 -35.42
N GLU A 502 6.45 5.59 -34.88
CA GLU A 502 7.78 4.92 -34.91
C GLU A 502 8.22 4.55 -36.33
N LEU A 503 7.29 4.05 -37.15
CA LEU A 503 7.60 3.72 -38.54
C LEU A 503 8.00 4.96 -39.32
N ALA A 504 7.34 6.08 -39.09
CA ALA A 504 7.65 7.32 -39.82
C ALA A 504 9.06 7.87 -39.45
N GLN A 505 9.64 7.46 -38.34
CA GLN A 505 10.97 7.93 -37.93
C GLN A 505 12.11 7.07 -38.49
N LEU A 506 11.81 5.95 -39.18
CA LEU A 506 12.87 5.07 -39.72
C LEU A 506 13.66 5.74 -40.79
N ALA A 507 14.98 5.59 -40.75
CA ALA A 507 15.89 6.02 -41.78
C ALA A 507 15.53 5.28 -43.07
N PRO A 508 15.86 5.84 -44.26
CA PRO A 508 15.53 5.11 -45.52
C PRO A 508 16.10 3.67 -45.67
N ALA A 509 17.30 3.39 -45.19
CA ALA A 509 17.85 2.05 -45.29
C ALA A 509 17.17 1.05 -44.33
N GLN A 510 16.28 1.54 -43.40
CA GLN A 510 15.50 0.68 -42.51
C GLN A 510 14.06 0.59 -42.99
N ALA A 511 13.76 1.00 -44.25
CA ALA A 511 12.38 0.87 -44.79
C ALA A 511 11.90 -0.59 -44.75
N PHE A 512 12.78 -1.51 -45.13
CA PHE A 512 12.46 -2.94 -45.17
C PHE A 512 12.06 -3.45 -43.78
N ALA A 513 12.69 -2.88 -42.73
CA ALA A 513 12.51 -3.25 -41.33
C ALA A 513 11.18 -2.74 -40.85
N GLY A 514 10.75 -1.59 -41.36
CA GLY A 514 9.42 -1.07 -41.07
C GLY A 514 8.32 -1.94 -41.67
N VAL A 515 8.55 -2.45 -42.87
CA VAL A 515 7.58 -3.34 -43.55
C VAL A 515 7.47 -4.66 -42.75
N ALA A 516 8.61 -5.29 -42.43
CA ALA A 516 8.61 -6.55 -41.68
C ALA A 516 8.02 -6.34 -40.26
N GLY A 517 8.47 -5.30 -39.58
CA GLY A 517 8.05 -4.95 -38.24
C GLY A 517 6.57 -4.67 -38.12
N GLU A 518 6.04 -3.85 -39.03
CA GLU A 518 4.60 -3.56 -39.04
C GLU A 518 3.79 -4.84 -39.28
N ASP A 519 4.24 -5.72 -40.19
CA ASP A 519 3.52 -6.96 -40.50
C ASP A 519 3.48 -7.89 -39.30
N ARG A 520 4.61 -8.06 -38.60
CA ARG A 520 4.70 -8.86 -37.39
C ARG A 520 3.82 -8.28 -36.27
N PHE A 521 3.86 -6.99 -36.07
CA PHE A 521 3.03 -6.25 -35.08
C PHE A 521 1.53 -6.51 -35.37
N ARG A 522 1.15 -6.28 -36.59
CA ARG A 522 -0.26 -6.41 -36.98
C ARG A 522 -0.77 -7.89 -36.86
N ARG A 523 0.07 -8.89 -37.20
CA ARG A 523 -0.34 -10.29 -37.07
C ARG A 523 -0.47 -10.69 -35.59
N MSE A 524 0.46 -10.26 -34.76
N MSE A 524 0.46 -10.25 -34.72
CA MSE A 524 0.40 -10.58 -33.34
CA MSE A 524 0.43 -10.62 -33.30
C MSE A 524 -0.82 -9.93 -32.69
C MSE A 524 -0.72 -9.89 -32.58
O MSE A 524 -1.54 -10.57 -31.93
O MSE A 524 -1.34 -10.45 -31.68
CB MSE A 524 1.66 -10.16 -32.61
CB MSE A 524 1.77 -10.36 -32.61
CG MSE A 524 1.56 -10.50 -31.12
CG MSE A 524 2.23 -11.53 -31.72
SE MSE A 524 3.13 -10.49 -30.00
SE MSE A 524 2.50 -13.16 -32.78
CE MSE A 524 1.96 -10.79 -28.38
CE MSE A 524 1.85 -14.48 -31.45
N LEU A 525 -1.03 -8.66 -33.00
CA LEU A 525 -2.15 -7.90 -32.45
C LEU A 525 -3.50 -8.56 -32.84
N ALA A 526 -3.64 -9.00 -34.11
CA ALA A 526 -4.83 -9.68 -34.62
C ALA A 526 -5.06 -10.99 -33.85
N ARG A 527 -3.99 -11.77 -33.62
CA ARG A 527 -4.09 -13.01 -32.85
C ARG A 527 -4.56 -12.72 -31.41
N ALA A 528 -3.97 -11.72 -30.76
CA ALA A 528 -4.38 -11.41 -29.39
C ALA A 528 -5.84 -10.90 -29.34
N ARG A 529 -6.20 -10.06 -30.30
CA ARG A 529 -7.54 -9.50 -30.47
C ARG A 529 -8.62 -10.62 -30.62
N ASN A 530 -8.29 -11.67 -31.39
CA ASN A 530 -9.21 -12.79 -31.58
C ASN A 530 -9.39 -13.56 -30.25
N GLU A 531 -8.33 -13.73 -29.45
CA GLU A 531 -8.42 -14.38 -28.15
C GLU A 531 -9.20 -13.53 -27.14
N PHE A 532 -9.09 -12.20 -27.23
CA PHE A 532 -9.72 -11.32 -26.27
C PHE A 532 -11.19 -11.05 -26.59
N SER A 533 -11.46 -10.64 -27.83
CA SER A 533 -12.78 -10.21 -28.28
C SER A 533 -13.02 -10.80 -29.70
N PRO A 534 -13.34 -12.12 -29.72
CA PRO A 534 -13.56 -12.83 -31.00
C PRO A 534 -14.52 -12.10 -31.95
C1 GOL B . 2.25 2.85 24.11
O1 GOL B . 1.65 4.15 24.02
C2 GOL B . 3.49 2.92 24.98
O2 GOL B . 3.11 3.05 26.36
C3 GOL B . 4.38 1.72 24.77
O3 GOL B . 5.65 1.82 25.45
C1 GOL C . 8.64 -7.70 9.67
O1 GOL C . 9.80 -7.91 8.97
C2 GOL C . 8.85 -8.13 11.09
O2 GOL C . 8.67 -9.59 11.27
C3 GOL C . 7.68 -7.39 11.67
O3 GOL C . 7.74 -7.54 13.01
#